data_2QWU
#
_entry.id   2QWU
#
_cell.length_a   49.031
_cell.length_b   83.991
_cell.length_c   89.838
_cell.angle_alpha   90.00
_cell.angle_beta   90.00
_cell.angle_gamma   90.00
#
_symmetry.space_group_name_H-M   'P 21 21 21'
#
loop_
_entity.id
_entity.type
_entity.pdbx_description
1 polymer 'Intracellular growth locus, subunit C'
2 water water
#
_entity_poly.entity_id   1
_entity_poly.type   'polypeptide(L)'
_entity_poly.pdbx_seq_one_letter_code
;(MSE)I(MSE)SE(MSE)ITRQQVTSGETIHVRTDPTACIGSHPNCR(MSE)FIDSLTIAGEKLDKNIVAIDGGEDVTKA
DSATAAASVIR(MSE)SITPGSINPTISITLGVLIKSNVRTKIEEKVSSILQASATD(MSE)KIKLGNSNKKQEYKTDEA
WGI(MSE)IDLSNLELYPISAKAFSISIEPTEL(MSE)GVSKDG(MSE)RYHIISIDGLTTSQGSLPVCCAASTDKGVAK
IGYIAAA
;
_entity_poly.pdbx_strand_id   A,B
#
# COMPACT_ATOMS: atom_id res chain seq x y z
N MSE A 3 -22.88 -10.19 -11.96
CA MSE A 3 -21.98 -11.10 -11.20
C MSE A 3 -20.71 -11.58 -11.94
O MSE A 3 -20.50 -12.82 -12.05
CB MSE A 3 -22.76 -12.37 -10.78
CG MSE A 3 -23.26 -12.43 -9.37
SE MSE A 3 -24.39 -13.89 -9.23
CE MSE A 3 -23.45 -14.98 -8.22
N SER A 4 -19.85 -10.69 -12.43
CA SER A 4 -18.64 -11.18 -13.11
C SER A 4 -17.45 -11.06 -12.15
N GLU A 5 -17.63 -10.14 -11.23
CA GLU A 5 -16.72 -9.77 -10.16
C GLU A 5 -16.18 -11.02 -9.42
N MSE A 6 -14.86 -11.09 -9.25
CA MSE A 6 -14.29 -12.20 -8.53
C MSE A 6 -14.82 -12.29 -7.08
O MSE A 6 -15.11 -13.37 -6.57
CB MSE A 6 -12.77 -12.08 -8.55
CG MSE A 6 -12.01 -13.25 -7.91
SE MSE A 6 -11.92 -14.70 -9.00
CE MSE A 6 -11.25 -14.17 -10.29
N ILE A 7 -14.93 -11.16 -6.40
CA ILE A 7 -15.47 -11.17 -5.04
C ILE A 7 -16.82 -10.46 -5.03
N THR A 8 -17.88 -11.17 -4.66
CA THR A 8 -19.24 -10.58 -4.66
C THR A 8 -19.59 -9.91 -3.33
N ARG A 9 -20.43 -8.88 -3.38
CA ARG A 9 -20.86 -8.20 -2.16
C ARG A 9 -21.51 -9.20 -1.19
N GLN A 10 -22.29 -10.14 -1.72
CA GLN A 10 -22.91 -11.19 -0.90
C GLN A 10 -21.86 -11.98 -0.10
N GLN A 11 -20.76 -12.42 -0.73
CA GLN A 11 -19.73 -13.12 0.02
C GLN A 11 -19.18 -12.27 1.18
N VAL A 12 -18.92 -10.99 0.90
CA VAL A 12 -18.35 -10.11 1.91
C VAL A 12 -19.36 -9.83 3.05
N THR A 13 -20.61 -9.60 2.70
CA THR A 13 -21.58 -9.32 3.74
C THR A 13 -21.86 -10.56 4.62
N SER A 14 -21.93 -11.73 3.99
CA SER A 14 -22.27 -12.95 4.71
C SER A 14 -21.14 -13.69 5.48
N GLY A 15 -19.89 -13.35 5.18
CA GLY A 15 -18.77 -14.00 5.83
C GLY A 15 -18.42 -15.36 5.23
N GLU A 16 -18.80 -15.54 3.97
CA GLU A 16 -18.57 -16.74 3.22
C GLU A 16 -17.08 -16.77 2.83
N THR A 17 -16.59 -17.93 2.41
CA THR A 17 -15.23 -18.04 1.91
C THR A 17 -14.99 -17.08 0.71
N ILE A 18 -13.83 -16.41 0.70
CA ILE A 18 -13.47 -15.50 -0.37
C ILE A 18 -12.43 -16.28 -1.15
N HIS A 19 -12.57 -16.25 -2.46
CA HIS A 19 -11.68 -16.99 -3.31
C HIS A 19 -11.28 -16.14 -4.50
N VAL A 20 -10.00 -16.11 -4.78
CA VAL A 20 -9.54 -15.38 -5.96
C VAL A 20 -8.65 -16.32 -6.76
N ARG A 21 -8.76 -16.22 -8.07
CA ARG A 21 -7.95 -17.06 -8.90
C ARG A 21 -7.71 -16.33 -10.21
N THR A 22 -6.48 -16.37 -10.68
CA THR A 22 -6.13 -15.73 -11.93
C THR A 22 -5.44 -16.77 -12.79
N ASP A 23 -5.19 -16.43 -14.06
CA ASP A 23 -4.40 -17.33 -14.92
C ASP A 23 -2.96 -17.37 -14.34
N PRO A 24 -2.25 -18.52 -14.45
CA PRO A 24 -0.88 -18.59 -13.87
C PRO A 24 0.10 -17.51 -14.30
N THR A 25 0.05 -17.06 -15.56
CA THR A 25 0.99 -16.01 -15.97
C THR A 25 0.23 -14.70 -16.20
N ALA A 26 -0.88 -14.49 -15.50
CA ALA A 26 -1.65 -13.26 -15.67
C ALA A 26 -0.82 -12.00 -15.37
N CYS A 27 0.20 -12.15 -14.50
CA CYS A 27 1.05 -11.01 -14.09
C CYS A 27 1.91 -10.44 -15.23
N ILE A 28 2.04 -11.17 -16.34
CA ILE A 28 2.80 -10.65 -17.45
C ILE A 28 1.96 -10.61 -18.72
N GLY A 29 2.48 -9.92 -19.71
CA GLY A 29 1.71 -9.86 -20.96
C GLY A 29 0.72 -8.71 -21.05
N SER A 30 0.06 -8.62 -22.21
CA SER A 30 -0.91 -7.56 -22.56
C SER A 30 -2.29 -8.20 -22.67
N HIS A 31 -3.14 -8.01 -21.66
CA HIS A 31 -4.47 -8.60 -21.67
C HIS A 31 -5.36 -7.84 -20.71
N PRO A 32 -6.70 -8.03 -20.79
CA PRO A 32 -7.63 -7.32 -19.91
C PRO A 32 -8.06 -8.07 -18.67
N ASN A 33 -7.45 -9.21 -18.39
CA ASN A 33 -7.91 -10.06 -17.27
C ASN A 33 -7.26 -9.70 -15.95
N CYS A 34 -7.82 -10.24 -14.88
CA CYS A 34 -7.30 -9.93 -13.56
C CYS A 34 -5.90 -10.50 -13.30
N ARG A 35 -5.14 -9.76 -12.48
CA ARG A 35 -3.81 -10.23 -12.13
C ARG A 35 -3.43 -9.61 -10.76
N MSE A 36 -2.69 -10.37 -9.98
CA MSE A 36 -2.24 -9.94 -8.66
C MSE A 36 -0.79 -10.26 -8.49
O MSE A 36 -0.32 -11.29 -8.91
CB MSE A 36 -3.06 -10.65 -7.55
CG MSE A 36 -4.46 -10.16 -7.40
SE MSE A 36 -5.28 -11.10 -5.93
CE MSE A 36 -4.26 -10.49 -4.73
N PHE A 37 -0.01 -9.31 -7.95
CA PHE A 37 1.35 -9.59 -7.69
C PHE A 37 1.84 -8.69 -6.54
N ILE A 38 2.94 -9.10 -5.94
CA ILE A 38 3.47 -8.37 -4.79
C ILE A 38 4.93 -7.96 -4.99
N ASP A 39 5.32 -6.81 -4.45
CA ASP A 39 6.67 -6.30 -4.72
C ASP A 39 7.77 -6.87 -3.84
N SER A 40 7.39 -7.69 -2.87
CA SER A 40 8.36 -8.38 -2.04
C SER A 40 7.70 -9.60 -1.45
N LEU A 41 8.52 -10.59 -1.06
CA LEU A 41 8.02 -11.79 -0.47
C LEU A 41 9.14 -12.44 0.34
N THR A 42 8.84 -12.73 1.59
CA THR A 42 9.76 -13.45 2.45
C THR A 42 9.10 -14.72 2.93
N ILE A 43 9.81 -15.83 2.81
CA ILE A 43 9.29 -17.12 3.28
C ILE A 43 10.30 -17.79 4.22
N ALA A 44 9.88 -18.04 5.46
CA ALA A 44 10.74 -18.68 6.47
C ALA A 44 12.07 -17.90 6.52
N GLY A 45 11.97 -16.59 6.40
CA GLY A 45 13.14 -15.73 6.45
C GLY A 45 13.92 -15.58 5.15
N GLU A 46 13.55 -16.33 4.10
CA GLU A 46 14.28 -16.20 2.85
C GLU A 46 13.58 -15.16 2.01
N LYS A 47 14.33 -14.13 1.62
CA LYS A 47 13.80 -13.03 0.79
C LYS A 47 13.87 -13.40 -0.69
N LEU A 48 12.74 -13.33 -1.40
CA LEU A 48 12.77 -13.65 -2.81
C LEU A 48 13.23 -12.39 -3.56
N ASP A 49 14.03 -12.56 -4.62
CA ASP A 49 14.48 -11.42 -5.44
C ASP A 49 13.29 -10.84 -6.20
N LYS A 50 13.29 -9.51 -6.36
CA LYS A 50 12.24 -8.83 -7.11
C LYS A 50 12.76 -8.87 -8.57
N ASN A 51 12.35 -9.90 -9.32
CA ASN A 51 12.88 -10.13 -10.65
C ASN A 51 11.85 -10.40 -11.72
N ILE A 52 10.58 -10.15 -11.43
CA ILE A 52 9.57 -10.38 -12.43
C ILE A 52 9.07 -9.05 -12.91
N VAL A 53 9.07 -8.87 -14.23
CA VAL A 53 8.55 -7.61 -14.80
C VAL A 53 7.03 -7.76 -14.93
N ALA A 54 6.35 -7.58 -13.80
CA ALA A 54 4.89 -7.76 -13.73
C ALA A 54 4.19 -6.52 -14.21
N ILE A 55 3.07 -6.76 -14.87
CA ILE A 55 2.32 -5.69 -15.51
C ILE A 55 1.01 -5.37 -14.77
N ASP A 56 0.89 -4.16 -14.23
CA ASP A 56 -0.32 -3.73 -13.53
C ASP A 56 -1.46 -3.58 -14.57
N GLY A 57 -2.70 -3.66 -14.10
CA GLY A 57 -3.79 -3.56 -15.06
C GLY A 57 -3.73 -2.25 -15.83
N GLY A 58 -3.91 -2.37 -17.13
CA GLY A 58 -3.94 -1.22 -18.03
C GLY A 58 -2.59 -0.66 -18.38
N GLU A 59 -1.54 -1.19 -17.75
CA GLU A 59 -0.21 -0.66 -17.97
C GLU A 59 0.28 -0.95 -19.39
N ASP A 60 1.02 0.01 -19.95
CA ASP A 60 1.58 -0.08 -21.29
C ASP A 60 2.82 -0.97 -21.23
N VAL A 61 2.77 -2.18 -21.80
CA VAL A 61 3.90 -3.11 -21.67
C VAL A 61 5.20 -2.71 -22.33
N THR A 62 5.13 -1.79 -23.29
CA THR A 62 6.30 -1.30 -24.02
C THR A 62 7.12 -0.35 -23.16
N LYS A 63 6.52 0.13 -22.08
CA LYS A 63 7.23 1.00 -21.18
C LYS A 63 7.74 0.23 -19.96
N ALA A 64 7.38 -1.05 -19.86
CA ALA A 64 7.80 -1.87 -18.72
C ALA A 64 9.24 -2.31 -18.92
N ASP A 65 10.12 -2.02 -17.99
CA ASP A 65 11.47 -2.46 -18.16
C ASP A 65 12.06 -3.06 -16.89
N SER A 66 11.92 -2.38 -15.76
CA SER A 66 12.50 -2.92 -14.55
C SER A 66 11.55 -3.89 -13.85
N ALA A 67 12.10 -4.79 -13.06
CA ALA A 67 11.29 -5.75 -12.32
C ALA A 67 10.40 -5.02 -11.34
N THR A 68 9.22 -5.56 -11.14
CA THR A 68 8.25 -4.91 -10.27
C THR A 68 7.70 -5.86 -9.25
N ALA A 69 7.97 -7.15 -9.41
CA ALA A 69 7.40 -8.11 -8.47
C ALA A 69 8.36 -9.22 -8.06
N ALA A 70 8.25 -9.63 -6.79
CA ALA A 70 9.00 -10.77 -6.28
C ALA A 70 8.13 -12.05 -6.49
N ALA A 71 6.80 -11.88 -6.58
CA ALA A 71 5.92 -13.04 -6.75
C ALA A 71 4.59 -12.62 -7.29
N SER A 72 3.91 -13.53 -7.99
CA SER A 72 2.56 -13.27 -8.43
C SER A 72 1.70 -14.04 -7.40
N VAL A 73 0.46 -13.60 -7.23
CA VAL A 73 -0.48 -14.37 -6.39
C VAL A 73 -1.48 -14.94 -7.41
N ILE A 74 -1.45 -16.25 -7.58
CA ILE A 74 -2.27 -16.96 -8.58
C ILE A 74 -3.61 -17.41 -8.02
N ARG A 75 -3.63 -17.82 -6.75
CA ARG A 75 -4.86 -18.23 -6.12
C ARG A 75 -4.77 -17.96 -4.66
N MSE A 76 -5.93 -17.65 -4.10
CA MSE A 76 -5.97 -17.45 -2.68
C MSE A 76 -7.34 -17.79 -2.20
O MSE A 76 -8.32 -17.48 -2.88
CB MSE A 76 -5.65 -16.02 -2.28
CG MSE A 76 -5.38 -15.94 -0.82
SE MSE A 76 -4.69 -14.29 -0.41
CE MSE A 76 -4.46 -14.59 1.36
N SER A 77 -7.42 -18.44 -1.04
CA SER A 77 -8.71 -18.80 -0.44
C SER A 77 -8.65 -18.44 1.03
N ILE A 78 -9.62 -17.67 1.47
CA ILE A 78 -9.70 -17.29 2.86
C ILE A 78 -11.08 -17.60 3.41
N THR A 79 -11.10 -18.46 4.41
CA THR A 79 -12.39 -18.77 5.06
C THR A 79 -12.36 -18.10 6.43
N PRO A 80 -13.22 -17.07 6.59
CA PRO A 80 -13.30 -16.32 7.84
C PRO A 80 -13.48 -17.23 9.03
N GLY A 81 -12.92 -16.83 10.15
CA GLY A 81 -13.08 -17.67 11.33
C GLY A 81 -13.48 -16.81 12.50
N SER A 82 -14.09 -17.43 13.51
CA SER A 82 -14.49 -16.68 14.72
C SER A 82 -13.22 -16.13 15.41
N ILE A 83 -12.19 -16.94 15.45
CA ILE A 83 -10.93 -16.49 15.98
C ILE A 83 -9.90 -16.25 14.86
N ASN A 84 -9.47 -17.30 14.17
CA ASN A 84 -8.50 -17.11 13.10
C ASN A 84 -9.05 -17.73 11.84
N PRO A 85 -8.70 -17.16 10.68
CA PRO A 85 -9.17 -17.71 9.39
C PRO A 85 -8.34 -18.90 8.97
N THR A 86 -8.78 -19.61 7.93
CA THR A 86 -7.99 -20.73 7.38
C THR A 86 -7.71 -20.24 5.99
N ILE A 87 -6.45 -20.35 5.59
CA ILE A 87 -6.02 -19.77 4.32
C ILE A 87 -5.14 -20.67 3.52
N SER A 88 -5.34 -20.64 2.21
CA SER A 88 -4.44 -21.35 1.29
C SER A 88 -4.03 -20.30 0.26
N ILE A 89 -2.81 -20.41 -0.27
CA ILE A 89 -2.34 -19.45 -1.26
C ILE A 89 -1.44 -20.13 -2.25
N THR A 90 -1.45 -19.64 -3.48
CA THR A 90 -0.59 -20.16 -4.55
C THR A 90 0.16 -18.97 -5.14
N LEU A 91 1.50 -19.05 -5.08
CA LEU A 91 2.35 -17.97 -5.56
C LEU A 91 3.22 -18.41 -6.72
N GLY A 92 3.50 -17.50 -7.65
CA GLY A 92 4.38 -17.82 -8.77
C GLY A 92 5.68 -17.04 -8.54
N VAL A 93 6.83 -17.73 -8.56
CA VAL A 93 8.10 -17.05 -8.37
C VAL A 93 9.07 -17.45 -9.48
N LEU A 94 10.04 -16.59 -9.74
CA LEU A 94 11.05 -16.94 -10.78
C LEU A 94 12.36 -17.24 -10.02
N ILE A 95 12.76 -18.51 -9.98
CA ILE A 95 13.95 -18.93 -9.20
C ILE A 95 14.70 -20.05 -9.87
N LYS A 96 15.96 -20.22 -9.44
CA LYS A 96 16.78 -21.33 -9.94
C LYS A 96 16.36 -22.59 -9.15
N SER A 97 16.64 -23.74 -9.74
CA SER A 97 16.31 -25.02 -9.16
C SER A 97 16.93 -25.19 -7.77
N ASN A 98 18.15 -24.72 -7.58
CA ASN A 98 18.78 -24.89 -6.30
C ASN A 98 18.06 -24.07 -5.22
N VAL A 99 17.49 -22.94 -5.60
CA VAL A 99 16.77 -22.09 -4.65
C VAL A 99 15.46 -22.77 -4.21
N ARG A 100 14.84 -23.53 -5.10
CA ARG A 100 13.63 -24.22 -4.74
C ARG A 100 13.91 -25.19 -3.58
N THR A 101 14.98 -25.94 -3.73
CA THR A 101 15.33 -26.94 -2.72
C THR A 101 15.67 -26.26 -1.39
N LYS A 102 16.37 -25.13 -1.43
CA LYS A 102 16.74 -24.45 -0.21
C LYS A 102 15.54 -23.82 0.50
N ILE A 103 14.55 -23.35 -0.25
CA ILE A 103 13.39 -22.80 0.41
C ILE A 103 12.62 -23.95 1.06
N GLU A 104 12.52 -25.07 0.37
CA GLU A 104 11.77 -26.19 0.91
C GLU A 104 12.37 -26.66 2.22
N GLU A 105 13.70 -26.75 2.21
CA GLU A 105 14.42 -27.20 3.42
C GLU A 105 14.30 -26.25 4.58
N LYS A 106 14.34 -24.96 4.29
CA LYS A 106 14.22 -23.96 5.34
C LYS A 106 12.82 -24.00 5.94
N VAL A 107 11.80 -24.12 5.09
CA VAL A 107 10.44 -24.18 5.60
C VAL A 107 10.24 -25.38 6.51
N SER A 108 10.66 -26.55 6.06
CA SER A 108 10.54 -27.78 6.81
C SER A 108 11.28 -27.68 8.16
N SER A 109 12.44 -27.06 8.17
CA SER A 109 13.19 -26.92 9.40
C SER A 109 12.48 -26.06 10.46
N ILE A 110 11.88 -24.96 10.02
CA ILE A 110 11.18 -24.11 10.98
C ILE A 110 9.88 -24.75 11.38
N LEU A 111 9.22 -25.34 10.40
CA LEU A 111 7.97 -26.01 10.67
C LEU A 111 8.10 -27.14 11.70
N GLN A 112 9.22 -27.87 11.68
CA GLN A 112 9.43 -28.98 12.62
C GLN A 112 9.98 -28.51 13.97
N ALA A 113 10.63 -27.36 13.99
CA ALA A 113 11.17 -26.83 15.22
C ALA A 113 9.98 -26.21 15.97
N SER A 114 9.41 -25.13 15.45
CA SER A 114 8.26 -24.47 16.08
C SER A 114 7.41 -23.92 14.96
N ALA A 115 6.36 -24.64 14.62
CA ALA A 115 5.56 -24.25 13.47
C ALA A 115 5.03 -22.81 13.33
N THR A 116 4.57 -22.17 14.40
CA THR A 116 4.00 -20.84 14.19
C THR A 116 5.00 -19.74 13.91
N ASP A 117 6.28 -20.08 14.02
CA ASP A 117 7.36 -19.13 13.74
C ASP A 117 7.68 -19.06 12.26
N MSE A 118 7.09 -19.94 11.44
CA MSE A 118 7.41 -19.92 10.01
C MSE A 118 6.49 -18.85 9.37
O MSE A 118 5.31 -19.10 9.08
CB MSE A 118 7.16 -21.31 9.38
CG MSE A 118 7.91 -21.58 8.02
SE MSE A 118 7.28 -20.55 6.55
CE MSE A 118 5.68 -21.28 6.44
N LYS A 119 7.04 -17.66 9.12
CA LYS A 119 6.25 -16.56 8.56
C LYS A 119 6.40 -16.37 7.07
N ILE A 120 5.28 -16.00 6.42
CA ILE A 120 5.30 -15.71 4.99
C ILE A 120 4.80 -14.28 5.02
N LYS A 121 5.66 -13.36 4.57
CA LYS A 121 5.31 -11.95 4.65
C LYS A 121 5.21 -11.38 3.24
N LEU A 122 4.01 -10.89 2.91
CA LEU A 122 3.79 -10.38 1.57
C LEU A 122 4.06 -8.88 1.55
N GLY A 123 4.62 -8.41 0.45
CA GLY A 123 4.90 -6.99 0.29
C GLY A 123 3.67 -6.27 -0.21
N ASN A 124 3.86 -5.12 -0.87
CA ASN A 124 2.73 -4.35 -1.39
C ASN A 124 2.16 -5.01 -2.62
N SER A 125 0.85 -5.21 -2.61
CA SER A 125 0.22 -5.76 -3.81
C SER A 125 -0.15 -4.64 -4.79
N ASN A 126 -0.33 -5.02 -6.05
CA ASN A 126 -0.70 -4.04 -7.09
C ASN A 126 -2.11 -3.49 -6.91
N LYS A 127 -2.30 -2.26 -7.37
CA LYS A 127 -3.59 -1.61 -7.19
C LYS A 127 -4.57 -1.88 -8.31
N LYS A 128 -4.09 -2.21 -9.50
CA LYS A 128 -5.01 -2.44 -10.60
C LYS A 128 -5.06 -3.95 -10.89
N GLN A 129 -5.90 -4.66 -10.15
CA GLN A 129 -6.01 -6.12 -10.25
C GLN A 129 -7.14 -6.63 -11.17
N GLU A 130 -8.29 -5.96 -11.15
CA GLU A 130 -9.41 -6.41 -11.94
C GLU A 130 -10.10 -5.20 -12.60
N TYR A 131 -10.45 -5.36 -13.87
CA TYR A 131 -11.15 -4.30 -14.61
C TYR A 131 -12.65 -4.39 -14.24
N LYS A 132 -13.13 -3.38 -13.56
CA LYS A 132 -14.47 -3.35 -13.01
C LYS A 132 -15.59 -3.04 -13.99
N THR A 133 -16.84 -3.27 -13.54
CA THR A 133 -17.98 -3.07 -14.43
C THR A 133 -18.20 -1.63 -14.81
N ASP A 134 -17.65 -0.71 -14.03
CA ASP A 134 -17.79 0.70 -14.35
C ASP A 134 -16.61 1.27 -15.16
N GLU A 135 -15.88 0.37 -15.81
CA GLU A 135 -14.76 0.70 -16.71
C GLU A 135 -13.59 1.44 -16.09
N ALA A 136 -13.16 0.93 -14.97
CA ALA A 136 -12.00 1.46 -14.25
C ALA A 136 -11.43 0.23 -13.55
N TRP A 137 -10.12 0.23 -13.33
CA TRP A 137 -9.46 -0.86 -12.60
C TRP A 137 -9.61 -0.67 -11.08
N GLY A 138 -9.62 -1.77 -10.35
CA GLY A 138 -9.71 -1.69 -8.89
C GLY A 138 -9.04 -2.92 -8.31
N ILE A 139 -8.96 -3.02 -6.99
CA ILE A 139 -8.37 -4.23 -6.40
C ILE A 139 -9.43 -5.31 -6.33
N MSE A 140 -8.96 -6.53 -6.07
CA MSE A 140 -9.88 -7.63 -5.71
C MSE A 140 -9.67 -7.69 -4.18
O MSE A 140 -10.59 -7.53 -3.43
CB MSE A 140 -9.53 -8.96 -6.38
CG MSE A 140 -10.00 -8.92 -7.88
SE MSE A 140 -9.56 -10.46 -8.87
CE MSE A 140 -7.73 -10.42 -8.76
N ILE A 141 -8.43 -7.90 -3.75
CA ILE A 141 -8.09 -7.93 -2.33
C ILE A 141 -6.73 -7.18 -2.17
N ASP A 142 -6.62 -6.34 -1.15
CA ASP A 142 -5.33 -5.65 -0.87
C ASP A 142 -4.56 -6.53 0.13
N LEU A 143 -3.56 -7.23 -0.36
CA LEU A 143 -2.78 -8.15 0.46
C LEU A 143 -1.54 -7.48 1.07
N SER A 144 -1.37 -6.18 0.85
CA SER A 144 -0.15 -5.53 1.30
C SER A 144 0.20 -5.78 2.74
N ASN A 145 1.45 -6.20 2.95
CA ASN A 145 1.98 -6.46 4.25
C ASN A 145 1.39 -7.57 5.05
N LEU A 146 0.59 -8.43 4.41
CA LEU A 146 -0.04 -9.49 5.17
C LEU A 146 1.01 -10.50 5.62
N GLU A 147 0.92 -10.95 6.88
CA GLU A 147 1.82 -11.96 7.40
C GLU A 147 0.99 -13.22 7.70
N LEU A 148 1.40 -14.30 7.07
CA LEU A 148 0.71 -15.59 7.24
C LEU A 148 1.64 -16.56 7.97
N TYR A 149 1.05 -17.53 8.66
CA TYR A 149 1.89 -18.50 9.39
C TYR A 149 1.07 -19.79 9.49
N PRO A 150 1.72 -20.91 9.80
CA PRO A 150 0.98 -22.18 9.89
C PRO A 150 0.05 -22.28 11.06
N ILE A 151 -1.11 -22.90 10.85
CA ILE A 151 -2.03 -23.12 11.95
C ILE A 151 -1.31 -24.12 12.87
N SER A 152 -0.68 -25.11 12.25
CA SER A 152 0.08 -26.14 12.97
C SER A 152 0.87 -26.94 11.95
N ALA A 153 1.84 -27.73 12.41
CA ALA A 153 2.61 -28.52 11.47
C ALA A 153 1.73 -29.53 10.78
N LYS A 154 0.78 -30.10 11.52
CA LYS A 154 -0.06 -31.11 10.89
C LYS A 154 -1.01 -30.59 9.82
N ALA A 155 -1.51 -29.38 9.99
CA ALA A 155 -2.45 -28.78 9.03
C ALA A 155 -1.74 -28.22 7.78
N PHE A 156 -0.46 -27.90 7.94
CA PHE A 156 0.34 -27.28 6.89
C PHE A 156 0.81 -28.17 5.77
N SER A 157 0.80 -27.63 4.55
CA SER A 157 1.27 -28.36 3.39
C SER A 157 1.94 -27.38 2.42
N ILE A 158 3.03 -27.76 1.76
CA ILE A 158 3.64 -26.87 0.81
C ILE A 158 4.22 -27.67 -0.33
N SER A 159 4.07 -27.14 -1.54
CA SER A 159 4.71 -27.82 -2.65
C SER A 159 5.28 -26.73 -3.54
N ILE A 160 6.44 -26.99 -4.15
CA ILE A 160 7.05 -25.99 -5.05
C ILE A 160 7.35 -26.76 -6.30
N GLU A 161 6.72 -26.37 -7.38
CA GLU A 161 6.88 -27.10 -8.64
C GLU A 161 7.37 -26.24 -9.76
N PRO A 162 8.37 -26.74 -10.51
CA PRO A 162 8.88 -25.95 -11.62
C PRO A 162 7.91 -26.07 -12.80
N THR A 163 7.86 -25.04 -13.62
CA THR A 163 7.02 -25.07 -14.82
C THR A 163 7.85 -24.50 -15.99
N GLU A 164 7.34 -24.67 -17.21
CA GLU A 164 7.97 -24.12 -18.39
C GLU A 164 7.17 -22.90 -18.85
N LEU A 165 6.28 -22.39 -18.01
CA LEU A 165 5.44 -21.26 -18.41
C LEU A 165 6.16 -19.99 -18.87
N MSE A 166 7.33 -19.72 -18.31
CA MSE A 166 8.11 -18.54 -18.70
C MSE A 166 9.44 -19.05 -19.28
O MSE A 166 10.46 -18.37 -19.28
CB MSE A 166 8.37 -17.64 -17.49
CG MSE A 166 7.13 -16.93 -16.94
SE MSE A 166 7.50 -15.68 -15.56
CE MSE A 166 8.99 -15.81 -15.38
N GLY A 167 9.43 -20.27 -19.79
CA GLY A 167 10.68 -20.82 -20.29
C GLY A 167 11.79 -20.86 -19.25
N VAL A 168 13.02 -20.86 -19.72
CA VAL A 168 14.15 -20.83 -18.82
C VAL A 168 14.87 -19.54 -19.11
N SER A 169 15.05 -18.72 -18.09
CA SER A 169 15.70 -17.43 -18.26
C SER A 169 17.15 -17.64 -18.64
N LYS A 170 17.77 -16.59 -19.15
CA LYS A 170 19.18 -16.75 -19.55
C LYS A 170 20.05 -17.10 -18.38
N ASP A 171 19.61 -16.82 -17.13
CA ASP A 171 20.41 -17.21 -15.98
C ASP A 171 19.92 -18.47 -15.20
N GLY A 172 19.10 -19.27 -15.88
CA GLY A 172 18.68 -20.55 -15.34
C GLY A 172 17.47 -20.57 -14.45
N MSE A 173 16.66 -19.52 -14.48
CA MSE A 173 15.50 -19.52 -13.57
C MSE A 173 14.23 -19.95 -14.29
O MSE A 173 14.04 -19.64 -15.47
CB MSE A 173 15.29 -18.12 -12.96
CG MSE A 173 16.48 -17.66 -12.12
SE MSE A 173 16.23 -16.06 -11.30
CE MSE A 173 15.89 -15.04 -12.67
N ARG A 174 13.35 -20.64 -13.56
CA ARG A 174 12.07 -21.04 -14.13
C ARG A 174 10.94 -20.49 -13.27
N TYR A 175 9.77 -20.38 -13.88
CA TYR A 175 8.62 -19.89 -13.13
C TYR A 175 8.19 -21.11 -12.32
N HIS A 176 8.17 -20.98 -10.99
CA HIS A 176 7.79 -22.09 -10.10
C HIS A 176 6.49 -21.75 -9.40
N ILE A 177 5.66 -22.75 -9.14
CA ILE A 177 4.41 -22.48 -8.48
C ILE A 177 4.49 -23.01 -7.05
N ILE A 178 4.29 -22.13 -6.07
CA ILE A 178 4.37 -22.49 -4.65
C ILE A 178 2.95 -22.53 -4.12
N SER A 179 2.52 -23.73 -3.72
CA SER A 179 1.15 -23.93 -3.20
C SER A 179 1.24 -24.21 -1.75
N ILE A 180 0.58 -23.38 -0.93
CA ILE A 180 0.68 -23.52 0.52
C ILE A 180 -0.72 -23.63 1.09
N ASP A 181 -0.91 -24.59 2.02
CA ASP A 181 -2.24 -24.78 2.62
C ASP A 181 -2.04 -24.82 4.13
N GLY A 182 -3.13 -24.61 4.87
CA GLY A 182 -3.11 -24.65 6.33
C GLY A 182 -2.47 -23.46 7.02
N LEU A 183 -2.68 -22.27 6.46
CA LEU A 183 -2.11 -21.06 7.01
C LEU A 183 -3.20 -20.28 7.71
N THR A 184 -2.82 -19.33 8.54
CA THR A 184 -3.80 -18.44 9.14
C THR A 184 -3.05 -17.10 9.28
N THR A 185 -3.63 -16.11 9.94
CA THR A 185 -2.93 -14.83 10.10
C THR A 185 -3.56 -14.16 11.33
N SER A 186 -2.86 -13.25 11.99
CA SER A 186 -3.49 -12.52 13.11
C SER A 186 -4.19 -11.25 12.64
N GLN A 187 -4.06 -10.92 11.36
CA GLN A 187 -4.71 -9.73 10.82
C GLN A 187 -6.20 -10.04 10.79
N GLY A 188 -7.01 -9.10 11.27
CA GLY A 188 -8.45 -9.37 11.37
C GLY A 188 -9.33 -9.04 10.18
N SER A 189 -8.81 -8.26 9.24
CA SER A 189 -9.64 -7.89 8.08
C SER A 189 -8.75 -7.58 6.88
N LEU A 190 -9.35 -7.49 5.70
CA LEU A 190 -8.62 -7.17 4.50
C LEU A 190 -9.48 -6.26 3.63
N PRO A 191 -8.88 -5.26 2.96
CA PRO A 191 -9.66 -4.38 2.07
C PRO A 191 -9.98 -5.22 0.79
N VAL A 192 -11.21 -5.08 0.28
CA VAL A 192 -11.63 -5.78 -0.95
C VAL A 192 -12.42 -4.82 -1.82
N CYS A 193 -12.68 -5.22 -3.04
CA CYS A 193 -13.52 -4.41 -3.93
C CYS A 193 -14.25 -5.43 -4.79
N CYS A 194 -15.55 -5.17 -4.95
CA CYS A 194 -16.42 -6.09 -5.66
C CYS A 194 -16.65 -5.74 -7.12
N ALA A 195 -17.91 -5.76 -7.59
CA ALA A 195 -18.20 -5.58 -9.01
C ALA A 195 -17.66 -4.33 -9.69
N ALA A 196 -18.05 -3.20 -9.12
CA ALA A 196 -17.67 -1.92 -9.65
C ALA A 196 -16.55 -1.32 -8.80
N SER A 197 -15.84 -0.32 -9.34
CA SER A 197 -14.74 0.32 -8.63
C SER A 197 -15.21 1.07 -7.38
N THR A 198 -16.50 1.39 -7.31
CA THR A 198 -17.06 2.08 -6.15
C THR A 198 -17.63 1.03 -5.14
N ASP A 199 -17.34 -0.27 -5.33
CA ASP A 199 -17.88 -1.31 -4.44
C ASP A 199 -16.84 -1.77 -3.41
N LYS A 200 -16.13 -0.80 -2.82
CA LYS A 200 -15.11 -1.13 -1.83
C LYS A 200 -15.67 -1.63 -0.50
N GLY A 201 -14.92 -2.49 0.15
CA GLY A 201 -15.40 -2.97 1.40
C GLY A 201 -14.25 -3.50 2.21
N VAL A 202 -14.61 -4.06 3.36
CA VAL A 202 -13.65 -4.65 4.27
C VAL A 202 -14.15 -6.02 4.63
N ALA A 203 -13.39 -7.05 4.35
CA ALA A 203 -13.80 -8.39 4.68
C ALA A 203 -13.23 -8.72 6.06
N LYS A 204 -14.11 -8.99 7.02
CA LYS A 204 -13.65 -9.38 8.36
C LYS A 204 -13.29 -10.86 8.24
N ILE A 205 -12.06 -11.19 8.64
CA ILE A 205 -11.60 -12.59 8.52
C ILE A 205 -11.26 -13.24 9.82
N GLY A 206 -11.15 -12.46 10.89
CA GLY A 206 -10.81 -13.07 12.15
C GLY A 206 -11.01 -12.15 13.32
N TYR A 207 -10.54 -12.60 14.48
CA TYR A 207 -10.66 -11.85 15.70
C TYR A 207 -9.82 -10.59 15.69
N ILE A 208 -10.41 -9.48 16.11
CA ILE A 208 -9.67 -8.21 16.24
C ILE A 208 -9.69 -7.86 17.74
N ALA A 209 -8.53 -7.92 18.40
CA ALA A 209 -8.44 -7.64 19.84
C ALA A 209 -8.85 -6.23 20.19
N MSE B 3 23.70 15.90 -4.70
CA MSE B 3 22.83 15.33 -3.61
C MSE B 3 21.45 16.02 -3.55
O MSE B 3 21.16 16.78 -2.63
CB MSE B 3 23.53 15.49 -2.26
CG MSE B 3 23.62 16.94 -1.77
SE MSE B 3 24.58 17.13 -0.26
CE MSE B 3 24.11 15.53 0.65
N SER B 4 20.58 15.75 -4.51
CA SER B 4 19.29 16.41 -4.42
C SER B 4 18.13 15.54 -3.87
N GLU B 5 18.47 14.47 -3.14
CA GLU B 5 17.45 13.59 -2.55
C GLU B 5 16.76 14.25 -1.34
N MSE B 6 15.50 13.92 -1.11
CA MSE B 6 14.82 14.49 0.05
C MSE B 6 15.33 13.93 1.38
O MSE B 6 15.60 14.68 2.32
CB MSE B 6 13.29 14.29 -0.03
CG MSE B 6 12.54 15.14 0.96
SE MSE B 6 12.52 16.94 0.42
CE MSE B 6 13.07 17.89 1.71
N ILE B 7 15.48 12.60 1.45
CA ILE B 7 15.88 11.94 2.69
C ILE B 7 17.23 11.27 2.47
N THR B 8 18.23 11.61 3.31
CA THR B 8 19.56 10.99 3.12
C THR B 8 19.76 9.75 4.02
N ARG B 9 20.62 8.83 3.58
CA ARG B 9 20.90 7.63 4.37
C ARG B 9 21.50 8.02 5.72
N GLN B 10 22.37 9.03 5.73
CA GLN B 10 22.95 9.44 7.02
C GLN B 10 21.84 9.91 7.97
N GLN B 11 20.86 10.63 7.44
CA GLN B 11 19.72 11.13 8.17
C GLN B 11 18.93 9.98 8.82
N VAL B 12 18.72 8.90 8.07
CA VAL B 12 18.01 7.74 8.59
C VAL B 12 18.85 7.00 9.68
N THR B 13 20.11 6.74 9.39
CA THR B 13 20.96 6.03 10.33
C THR B 13 21.01 6.79 11.65
N SER B 14 21.10 8.13 11.59
CA SER B 14 21.19 8.96 12.79
C SER B 14 19.92 9.24 13.60
N GLY B 15 18.75 8.80 13.10
CA GLY B 15 17.50 9.04 13.81
C GLY B 15 17.07 10.51 13.87
N GLU B 16 17.45 11.26 12.86
CA GLU B 16 17.12 12.68 12.79
C GLU B 16 15.65 12.89 12.29
N THR B 17 15.18 14.13 12.43
CA THR B 17 13.85 14.54 11.94
C THR B 17 13.81 14.21 10.41
N ILE B 18 12.68 13.68 9.96
CA ILE B 18 12.53 13.33 8.55
C ILE B 18 11.69 14.45 8.02
N HIS B 19 12.13 15.08 6.93
CA HIS B 19 11.35 16.17 6.34
C HIS B 19 11.15 15.94 4.83
N VAL B 20 9.91 16.10 4.35
CA VAL B 20 9.66 15.99 2.91
C VAL B 20 8.92 17.26 2.53
N ARG B 21 9.25 17.76 1.36
CA ARG B 21 8.62 18.97 0.87
C ARG B 21 8.46 18.89 -0.65
N THR B 22 7.31 19.31 -1.16
CA THR B 22 7.14 19.32 -2.61
C THR B 22 6.55 20.69 -2.95
N ASP B 23 6.57 21.05 -4.23
CA ASP B 23 5.91 22.29 -4.63
C ASP B 23 4.43 22.10 -4.36
N PRO B 24 3.70 23.18 -4.04
CA PRO B 24 2.28 23.01 -3.73
C PRO B 24 1.40 22.26 -4.67
N THR B 25 1.62 22.40 -5.99
CA THR B 25 0.79 21.66 -6.94
C THR B 25 1.63 20.67 -7.72
N ALA B 26 2.65 20.11 -7.06
CA ALA B 26 3.53 19.13 -7.70
C ALA B 26 2.69 17.91 -8.16
N CYS B 27 1.57 17.66 -7.50
CA CYS B 27 0.77 16.51 -7.88
C CYS B 27 0.07 16.58 -9.23
N ILE B 28 0.10 17.73 -9.91
CA ILE B 28 -0.53 17.75 -11.21
C ILE B 28 0.52 18.28 -12.16
N GLY B 29 0.27 18.21 -13.46
CA GLY B 29 1.24 18.69 -14.43
C GLY B 29 2.25 17.62 -14.82
N SER B 30 3.09 17.93 -15.81
CA SER B 30 4.12 17.01 -16.33
C SER B 30 5.51 17.54 -16.03
N HIS B 31 6.19 16.97 -15.03
CA HIS B 31 7.52 17.42 -14.64
C HIS B 31 8.28 16.29 -13.95
N PRO B 32 9.59 16.45 -13.74
CA PRO B 32 10.38 15.41 -13.11
C PRO B 32 10.62 15.57 -11.61
N ASN B 33 9.89 16.48 -10.97
CA ASN B 33 10.09 16.78 -9.56
C ASN B 33 9.28 15.88 -8.65
N CYS B 34 9.60 15.91 -7.36
CA CYS B 34 8.89 14.98 -6.45
C CYS B 34 7.45 15.40 -6.17
N ARG B 35 6.58 14.42 -5.91
CA ARG B 35 5.20 14.72 -5.58
C ARG B 35 4.65 13.58 -4.74
N MSE B 36 3.74 13.90 -3.82
CA MSE B 36 3.15 12.90 -2.92
C MSE B 36 1.67 13.11 -2.83
O MSE B 36 1.25 14.26 -2.73
CB MSE B 36 3.75 13.03 -1.50
CG MSE B 36 5.20 12.69 -1.37
SE MSE B 36 5.69 12.84 0.47
CE MSE B 36 4.75 11.74 1.15
N PHE B 37 0.88 12.03 -2.91
CA PHE B 37 -0.56 12.20 -2.80
C PHE B 37 -1.17 10.93 -2.26
N ILE B 38 -2.35 11.04 -1.71
CA ILE B 38 -3.00 9.87 -1.09
C ILE B 38 -4.39 9.64 -1.64
N ASP B 39 -4.81 8.37 -1.71
CA ASP B 39 -6.09 8.10 -2.36
C ASP B 39 -7.31 8.26 -1.46
N SER B 40 -7.11 8.57 -0.18
CA SER B 40 -8.24 8.80 0.68
C SER B 40 -7.72 9.63 1.86
N LEU B 41 -8.61 10.35 2.54
CA LEU B 41 -8.24 11.14 3.70
C LEU B 41 -9.49 11.37 4.53
N THR B 42 -9.39 11.09 5.82
CA THR B 42 -10.50 11.42 6.72
C THR B 42 -9.93 12.28 7.83
N ILE B 43 -10.66 13.33 8.18
CA ILE B 43 -10.23 14.23 9.24
C ILE B 43 -11.42 14.40 10.19
N ALA B 44 -11.29 13.96 11.44
CA ALA B 44 -12.36 14.07 12.44
C ALA B 44 -13.67 13.42 12.02
N GLY B 45 -13.53 12.37 11.21
CA GLY B 45 -14.70 11.66 10.71
C GLY B 45 -15.20 12.21 9.38
N GLU B 46 -14.64 13.31 8.88
CA GLU B 46 -15.06 13.84 7.58
C GLU B 46 -14.23 13.19 6.48
N LYS B 47 -14.89 12.58 5.51
CA LYS B 47 -14.21 11.92 4.41
C LYS B 47 -14.08 12.86 3.21
N LEU B 48 -12.84 13.10 2.78
CA LEU B 48 -12.62 13.95 1.62
C LEU B 48 -12.89 13.15 0.35
N ASP B 49 -13.52 13.77 -0.65
CA ASP B 49 -13.81 13.10 -1.93
C ASP B 49 -12.51 12.87 -2.73
N LYS B 50 -12.44 11.76 -3.44
CA LYS B 50 -11.26 11.50 -4.27
C LYS B 50 -11.61 12.23 -5.58
N ASN B 51 -11.14 13.48 -5.70
CA ASN B 51 -11.43 14.33 -6.84
C ASN B 51 -10.27 15.05 -7.53
N ILE B 52 -9.04 14.72 -7.18
CA ILE B 52 -7.89 15.35 -7.81
C ILE B 52 -7.26 14.40 -8.82
N VAL B 53 -7.04 14.87 -10.05
CA VAL B 53 -6.39 14.04 -11.09
C VAL B 53 -4.86 14.17 -10.88
N ALA B 54 -4.36 13.43 -9.90
CA ALA B 54 -2.96 13.53 -9.53
C ALA B 54 -2.16 12.62 -10.41
N ILE B 55 -0.99 13.11 -10.74
CA ILE B 55 -0.05 12.42 -11.65
C ILE B 55 1.11 11.77 -10.87
N ASP B 56 1.26 10.45 -11.03
CA ASP B 56 2.32 9.71 -10.38
C ASP B 56 3.62 10.00 -11.18
N GLY B 57 4.77 9.81 -10.54
CA GLY B 57 6.04 10.07 -11.23
C GLY B 57 6.22 9.22 -12.47
N GLY B 58 6.65 9.85 -13.57
CA GLY B 58 6.85 9.12 -14.82
C GLY B 58 5.61 8.87 -15.65
N GLU B 59 4.45 9.21 -15.13
CA GLU B 59 3.19 8.97 -15.83
C GLU B 59 2.99 9.92 -17.04
N ASP B 60 2.43 9.39 -18.12
CA ASP B 60 2.15 10.24 -19.30
C ASP B 60 0.92 11.07 -18.98
N VAL B 61 1.05 12.39 -18.91
CA VAL B 61 -0.09 13.23 -18.51
C VAL B 61 -1.25 13.22 -19.50
N THR B 62 -0.99 12.90 -20.77
CA THR B 62 -2.06 12.85 -21.74
C THR B 62 -2.94 11.60 -21.55
N LYS B 63 -2.47 10.64 -20.77
CA LYS B 63 -3.27 9.43 -20.53
C LYS B 63 -3.91 9.52 -19.14
N ALA B 64 -3.78 10.70 -18.52
CA ALA B 64 -4.33 10.94 -17.17
C ALA B 64 -5.83 10.90 -17.30
N ASP B 65 -6.54 10.79 -16.21
CA ASP B 65 -7.95 10.60 -16.41
C ASP B 65 -8.89 10.93 -15.27
N SER B 66 -9.26 9.86 -14.60
CA SER B 66 -10.15 9.90 -13.49
C SER B 66 -9.36 10.39 -12.27
N ALA B 67 -10.09 10.83 -11.26
CA ALA B 67 -9.46 11.30 -10.04
C ALA B 67 -8.71 10.13 -9.44
N THR B 68 -7.53 10.43 -8.90
CA THR B 68 -6.69 9.44 -8.28
C THR B 68 -6.37 9.80 -6.83
N ALA B 69 -6.67 11.02 -6.43
CA ALA B 69 -6.29 11.43 -5.07
C ALA B 69 -7.32 12.24 -4.34
N ALA B 70 -7.36 12.03 -3.03
CA ALA B 70 -8.21 12.80 -2.14
C ALA B 70 -7.42 14.01 -1.62
N ALA B 71 -6.09 13.88 -1.56
CA ALA B 71 -5.27 14.97 -1.07
C ALA B 71 -3.84 14.81 -1.54
N SER B 72 -3.11 15.92 -1.56
CA SER B 72 -1.69 15.87 -1.84
C SER B 72 -0.99 16.11 -0.49
N VAL B 73 0.24 15.59 -0.32
CA VAL B 73 1.01 15.90 0.89
C VAL B 73 2.10 16.82 0.35
N ILE B 74 2.13 18.06 0.83
CA ILE B 74 3.04 19.12 0.38
C ILE B 74 4.22 19.29 1.33
N ARG B 75 4.01 19.07 2.60
CA ARG B 75 5.14 19.22 3.53
C ARG B 75 4.86 18.37 4.73
N MSE B 76 5.87 17.68 5.21
CA MSE B 76 5.67 16.87 6.39
C MSE B 76 6.95 16.78 7.18
O MSE B 76 8.01 16.66 6.61
CB MSE B 76 5.24 15.43 6.03
CG MSE B 76 4.75 14.70 7.31
SE MSE B 76 4.11 13.00 6.71
CE MSE B 76 3.39 12.41 8.27
N SER B 77 6.87 16.91 8.50
CA SER B 77 8.07 16.78 9.35
C SER B 77 7.75 15.76 10.40
N ILE B 78 8.64 14.77 10.56
CA ILE B 78 8.44 13.74 11.59
C ILE B 78 9.69 13.69 12.45
N THR B 79 9.55 14.00 13.74
CA THR B 79 10.72 13.98 14.62
C THR B 79 10.57 12.73 15.45
N PRO B 80 11.49 11.76 15.31
CA PRO B 80 11.40 10.50 16.08
C PRO B 80 11.41 10.78 17.58
N GLY B 81 10.74 9.91 18.31
CA GLY B 81 10.72 10.04 19.75
C GLY B 81 11.00 8.68 20.36
N SER B 82 11.31 8.63 21.65
CA SER B 82 11.61 7.33 22.25
C SER B 82 10.32 6.47 22.22
N ILE B 83 9.17 7.08 22.43
CA ILE B 83 7.90 6.36 22.43
C ILE B 83 7.00 6.71 21.24
N ASN B 84 6.96 8.01 20.89
CA ASN B 84 6.09 8.53 19.79
C ASN B 84 6.75 9.72 19.18
N PRO B 85 6.49 9.95 17.88
CA PRO B 85 7.09 11.12 17.21
C PRO B 85 6.29 12.37 17.33
N THR B 86 6.89 13.51 16.98
CA THR B 86 6.12 14.75 16.92
C THR B 86 6.04 15.02 15.41
N ILE B 87 4.82 15.28 14.95
CA ILE B 87 4.55 15.42 13.51
C ILE B 87 3.77 16.65 13.15
N SER B 88 4.19 17.27 12.04
CA SER B 88 3.45 18.37 11.47
C SER B 88 3.26 17.95 9.99
N ILE B 89 2.10 18.29 9.44
CA ILE B 89 1.86 17.92 8.05
C ILE B 89 1.00 18.98 7.37
N THR B 90 1.28 19.21 6.10
CA THR B 90 0.54 20.15 5.26
C THR B 90 -0.04 19.35 4.08
N LEU B 91 -1.35 19.44 3.90
CA LEU B 91 -2.04 18.70 2.86
C LEU B 91 -2.77 19.66 1.97
N GLY B 92 -2.89 19.27 0.70
CA GLY B 92 -3.66 20.08 -0.26
C GLY B 92 -4.93 19.32 -0.64
N VAL B 93 -6.09 19.96 -0.54
CA VAL B 93 -7.39 19.32 -0.92
C VAL B 93 -8.18 20.22 -1.83
N LEU B 94 -9.03 19.63 -2.64
CA LEU B 94 -9.86 20.40 -3.57
C LEU B 94 -11.27 20.35 -2.97
N ILE B 95 -11.72 21.45 -2.37
CA ILE B 95 -13.03 21.40 -1.74
C ILE B 95 -13.83 22.68 -1.93
N LYS B 96 -15.14 22.58 -1.69
CA LYS B 96 -16.03 23.74 -1.72
C LYS B 96 -15.90 24.33 -0.29
N SER B 97 -16.25 25.62 -0.16
CA SER B 97 -16.15 26.32 1.12
C SER B 97 -17.01 25.74 2.26
N ASN B 98 -18.11 25.08 1.91
CA ASN B 98 -18.95 24.49 2.94
C ASN B 98 -18.25 23.28 3.59
N VAL B 99 -17.39 22.59 2.83
CA VAL B 99 -16.65 21.45 3.37
C VAL B 99 -15.60 21.98 4.31
N ARG B 100 -15.00 23.10 3.94
CA ARG B 100 -14.00 23.68 4.80
C ARG B 100 -14.65 23.94 6.19
N THR B 101 -15.84 24.52 6.17
CA THR B 101 -16.52 24.82 7.42
C THR B 101 -16.90 23.58 8.23
N LYS B 102 -17.36 22.54 7.55
CA LYS B 102 -17.73 21.30 8.24
C LYS B 102 -16.53 20.70 8.98
N ILE B 103 -15.39 20.68 8.29
CA ILE B 103 -14.18 20.15 8.89
C ILE B 103 -13.74 20.97 10.11
N GLU B 104 -13.68 22.29 9.95
CA GLU B 104 -13.27 23.12 11.08
C GLU B 104 -14.22 22.95 12.29
N GLU B 105 -15.51 22.83 12.01
CA GLU B 105 -16.50 22.66 13.05
C GLU B 105 -16.43 21.27 13.70
N LYS B 106 -16.18 20.24 12.91
CA LYS B 106 -16.10 18.91 13.52
C LYS B 106 -14.81 18.80 14.32
N VAL B 107 -13.76 19.49 13.88
CA VAL B 107 -12.52 19.41 14.64
C VAL B 107 -12.72 20.13 15.99
N SER B 108 -13.18 21.37 15.96
CA SER B 108 -13.38 22.10 17.22
C SER B 108 -14.41 21.43 18.14
N SER B 109 -15.36 20.72 17.55
CA SER B 109 -16.39 20.01 18.28
C SER B 109 -15.79 18.81 19.06
N ILE B 110 -14.91 18.06 18.41
CA ILE B 110 -14.26 16.90 19.01
C ILE B 110 -13.12 17.34 19.93
N LEU B 111 -12.79 18.62 19.93
CA LEU B 111 -11.71 19.10 20.77
C LEU B 111 -12.18 19.60 22.12
N GLN B 112 -13.41 20.05 22.18
CA GLN B 112 -13.91 20.50 23.46
C GLN B 112 -14.08 19.23 24.27
N ALA B 113 -14.30 18.12 23.57
CA ALA B 113 -14.49 16.82 24.21
C ALA B 113 -13.18 16.03 24.40
N SER B 114 -12.89 15.10 23.48
CA SER B 114 -11.69 14.27 23.57
C SER B 114 -10.71 14.53 22.44
N ALA B 115 -9.60 15.22 22.73
CA ALA B 115 -8.60 15.51 21.70
C ALA B 115 -8.01 14.25 21.07
N THR B 116 -7.76 13.21 21.87
CA THR B 116 -7.18 11.97 21.36
C THR B 116 -8.14 11.24 20.41
N ASP B 117 -9.45 11.48 20.55
CA ASP B 117 -10.39 10.81 19.67
C ASP B 117 -10.51 11.51 18.32
N MSE B 118 -9.75 12.59 18.15
CA MSE B 118 -9.73 13.32 16.89
C MSE B 118 -8.74 12.47 16.09
O MSE B 118 -7.61 12.25 16.55
CB MSE B 118 -9.20 14.74 17.09
CG MSE B 118 -9.68 15.76 16.07
SE MSE B 118 -8.51 15.98 14.76
CE MSE B 118 -9.19 14.93 13.50
N LYS B 119 -9.17 11.95 14.96
CA LYS B 119 -8.30 11.10 14.15
C LYS B 119 -8.17 11.60 12.73
N ILE B 120 -6.98 11.43 12.18
CA ILE B 120 -6.72 11.79 10.80
C ILE B 120 -6.18 10.46 10.25
N LYS B 121 -6.77 9.96 9.19
CA LYS B 121 -6.30 8.70 8.60
C LYS B 121 -5.94 8.97 7.13
N LEU B 122 -4.68 8.67 6.78
CA LEU B 122 -4.21 8.83 5.41
C LEU B 122 -4.47 7.54 4.64
N GLY B 123 -4.91 7.68 3.41
CA GLY B 123 -5.09 6.52 2.54
C GLY B 123 -3.75 6.05 1.94
N ASN B 124 -3.81 5.31 0.84
CA ASN B 124 -2.60 4.77 0.21
C ASN B 124 -1.84 5.86 -0.50
N SER B 125 -0.53 5.95 -0.28
CA SER B 125 0.23 6.97 -0.98
C SER B 125 0.77 6.45 -2.31
N ASN B 126 1.15 7.36 -3.18
CA ASN B 126 1.67 6.99 -4.47
C ASN B 126 3.03 6.35 -4.38
N LYS B 127 3.30 5.44 -5.30
CA LYS B 127 4.57 4.76 -5.28
C LYS B 127 5.72 5.47 -5.99
N LYS B 128 5.41 6.36 -6.93
CA LYS B 128 6.47 7.01 -7.68
C LYS B 128 6.52 8.47 -7.29
N GLN B 129 7.18 8.68 -6.16
CA GLN B 129 7.26 10.00 -5.55
C GLN B 129 8.45 10.87 -5.93
N GLU B 130 9.61 10.25 -6.11
CA GLU B 130 10.86 10.95 -6.37
C GLU B 130 11.68 10.18 -7.35
N TYR B 131 12.24 10.91 -8.32
CA TYR B 131 13.11 10.27 -9.33
C TYR B 131 14.51 10.13 -8.74
N LYS B 132 14.97 8.88 -8.61
CA LYS B 132 16.23 8.56 -7.92
C LYS B 132 17.48 8.62 -8.78
N THR B 133 18.63 8.61 -8.10
CA THR B 133 19.92 8.75 -8.80
C THR B 133 20.23 7.65 -9.80
N ASP B 134 19.60 6.50 -9.62
CA ASP B 134 19.77 5.37 -10.55
C ASP B 134 18.73 5.34 -11.63
N GLU B 135 18.07 6.48 -11.83
CA GLU B 135 17.06 6.69 -12.87
C GLU B 135 15.86 5.76 -12.81
N ALA B 136 15.25 5.70 -11.63
CA ALA B 136 14.03 4.92 -11.43
C ALA B 136 13.24 5.74 -10.44
N TRP B 137 11.91 5.68 -10.51
CA TRP B 137 11.07 6.38 -9.52
C TRP B 137 10.96 5.50 -8.27
N GLY B 138 10.88 6.13 -7.08
CA GLY B 138 10.74 5.39 -5.84
C GLY B 138 10.01 6.32 -4.87
N ILE B 139 9.74 5.81 -3.68
CA ILE B 139 9.04 6.63 -2.68
C ILE B 139 10.07 7.51 -1.97
N MSE B 140 9.56 8.50 -1.24
CA MSE B 140 10.37 9.27 -0.27
C MSE B 140 9.89 8.64 1.05
O MSE B 140 10.69 8.07 1.74
CB MSE B 140 10.09 10.77 -0.30
CG MSE B 140 10.65 11.36 -1.60
SE MSE B 140 10.32 13.22 -1.76
CE MSE B 140 8.51 13.22 -2.04
N ILE B 141 8.57 8.62 1.29
CA ILE B 141 8.01 8.00 2.51
C ILE B 141 6.70 7.31 2.13
N ASP B 142 6.47 6.12 2.66
CA ASP B 142 5.18 5.45 2.35
C ASP B 142 4.25 5.77 3.54
N LEU B 143 3.30 6.63 3.33
CA LEU B 143 2.38 7.06 4.38
C LEU B 143 1.11 6.27 4.38
N SER B 144 1.06 5.24 3.54
CA SER B 144 -0.23 4.49 3.43
C SER B 144 -0.81 4.06 4.76
N ASN B 145 -2.07 4.42 4.97
CA ASN B 145 -2.86 4.10 6.15
C ASN B 145 -2.39 4.60 7.47
N LEU B 146 -1.54 5.63 7.44
CA LEU B 146 -1.03 6.17 8.68
C LEU B 146 -2.16 6.84 9.47
N GLU B 147 -2.23 6.55 10.75
CA GLU B 147 -3.28 7.14 11.59
C GLU B 147 -2.63 8.17 12.51
N LEU B 148 -3.05 9.43 12.40
CA LEU B 148 -2.46 10.49 13.22
C LEU B 148 -3.51 11.02 14.22
N TYR B 149 -3.04 11.53 15.35
CA TYR B 149 -3.98 12.10 16.33
C TYR B 149 -3.24 13.18 17.11
N PRO B 150 -3.97 14.07 17.78
CA PRO B 150 -3.28 15.12 18.52
C PRO B 150 -2.46 14.65 19.75
N ILE B 151 -1.29 15.23 19.93
CA ILE B 151 -0.44 14.92 21.10
C ILE B 151 -1.19 15.37 22.36
N SER B 152 -1.77 16.55 22.27
CA SER B 152 -2.51 17.14 23.40
C SER B 152 -3.30 18.33 22.85
N ALA B 153 -4.25 18.87 23.62
CA ALA B 153 -5.01 20.01 23.10
C ALA B 153 -4.11 21.22 23.01
N LYS B 154 -3.19 21.37 23.97
CA LYS B 154 -2.27 22.49 23.95
C LYS B 154 -1.31 22.49 22.74
N ALA B 155 -0.86 21.31 22.32
CA ALA B 155 0.08 21.25 21.20
C ALA B 155 -0.55 21.26 19.80
N PHE B 156 -1.83 20.89 19.74
CA PHE B 156 -2.52 20.77 18.47
C PHE B 156 -3.09 22.05 17.85
N SER B 157 -2.96 22.14 16.52
CA SER B 157 -3.52 23.26 15.78
C SER B 157 -3.73 22.85 14.34
N ILE B 158 -4.78 23.40 13.76
CA ILE B 158 -5.09 23.10 12.40
C ILE B 158 -5.73 24.32 11.80
N SER B 159 -5.31 24.66 10.60
CA SER B 159 -5.86 25.77 9.85
C SER B 159 -6.07 25.30 8.42
N ILE B 160 -7.10 25.87 7.80
CA ILE B 160 -7.42 25.51 6.41
C ILE B 160 -7.58 26.82 5.69
N GLU B 161 -6.81 26.96 4.62
CA GLU B 161 -6.82 28.20 3.87
C GLU B 161 -7.06 27.98 2.39
N PRO B 162 -8.03 28.71 1.80
CA PRO B 162 -8.32 28.58 0.38
C PRO B 162 -7.17 29.22 -0.43
N THR B 163 -6.89 28.72 -1.62
CA THR B 163 -5.87 29.33 -2.46
C THR B 163 -6.46 29.36 -3.90
N GLU B 164 -5.77 30.07 -4.78
CA GLU B 164 -6.15 30.14 -6.17
C GLU B 164 -5.23 29.27 -7.02
N LEU B 165 -4.41 28.41 -6.37
CA LEU B 165 -3.46 27.58 -7.11
C LEU B 165 -4.03 26.66 -8.19
N MSE B 166 -5.26 26.22 -8.02
CA MSE B 166 -5.90 25.37 -9.02
C MSE B 166 -7.09 26.15 -9.58
O MSE B 166 -8.02 25.55 -10.08
CB MSE B 166 -6.36 24.04 -8.43
CG MSE B 166 -5.22 23.10 -7.96
SE MSE B 166 -5.81 21.32 -7.57
CE MSE B 166 -4.02 20.66 -7.15
N GLY B 167 -7.06 27.47 -9.48
CA GLY B 167 -8.19 28.26 -9.93
C GLY B 167 -9.47 27.93 -9.15
N VAL B 168 -10.62 28.12 -9.78
CA VAL B 168 -11.89 27.81 -9.16
C VAL B 168 -12.69 26.94 -10.13
N SER B 169 -13.13 25.77 -9.68
CA SER B 169 -13.85 24.86 -10.58
C SER B 169 -15.26 25.29 -10.89
N LYS B 170 -15.84 24.62 -11.89
CA LYS B 170 -17.20 24.91 -12.30
C LYS B 170 -18.18 24.80 -11.13
N ASP B 171 -17.90 23.88 -10.20
CA ASP B 171 -18.76 23.74 -9.00
C ASP B 171 -18.30 24.55 -7.77
N GLY B 172 -17.33 25.44 -7.98
CA GLY B 172 -16.87 26.27 -6.88
C GLY B 172 -15.80 25.70 -5.95
N MSE B 173 -15.13 24.63 -6.39
CA MSE B 173 -14.09 24.08 -5.52
C MSE B 173 -12.80 24.83 -5.75
O MSE B 173 -12.49 25.24 -6.87
CB MSE B 173 -13.86 22.59 -5.81
CG MSE B 173 -15.13 21.79 -5.43
SE MSE B 173 -14.90 19.98 -5.47
CE MSE B 173 -14.72 19.64 -7.18
N ARG B 174 -12.02 24.99 -4.66
CA ARG B 174 -10.70 25.63 -4.69
C ARG B 174 -9.69 24.71 -3.99
N TYR B 175 -8.41 24.84 -4.35
CA TYR B 175 -7.38 24.04 -3.69
C TYR B 175 -7.14 24.72 -2.34
N HIS B 176 -7.38 23.99 -1.25
CA HIS B 176 -7.20 24.55 0.09
C HIS B 176 -5.99 23.89 0.70
N ILE B 177 -5.21 24.64 1.47
CA ILE B 177 -4.06 24.03 2.16
C ILE B 177 -4.45 23.83 3.65
N ILE B 178 -4.33 22.58 4.11
CA ILE B 178 -4.64 22.21 5.47
C ILE B 178 -3.30 22.05 6.17
N SER B 179 -3.05 22.89 7.18
CA SER B 179 -1.80 22.88 7.92
C SER B 179 -2.08 22.36 9.31
N ILE B 180 -1.41 21.28 9.69
CA ILE B 180 -1.66 20.71 11.00
C ILE B 180 -0.37 20.52 11.78
N ASP B 181 -0.41 20.85 13.08
CA ASP B 181 0.76 20.71 13.94
C ASP B 181 0.37 20.04 15.23
N GLY B 182 1.37 19.53 15.93
CA GLY B 182 1.09 18.88 17.21
C GLY B 182 0.47 17.49 17.09
N LEU B 183 0.87 16.74 16.08
CA LEU B 183 0.31 15.39 15.91
C LEU B 183 1.32 14.33 16.29
N THR B 184 0.80 13.13 16.51
CA THR B 184 1.67 11.99 16.76
C THR B 184 0.97 10.75 16.19
N THR B 185 1.62 9.59 16.34
CA THR B 185 1.03 8.35 15.85
C THR B 185 1.54 7.21 16.72
N SER B 186 0.78 6.10 16.71
CA SER B 186 1.19 4.93 17.45
C SER B 186 1.99 4.01 16.56
N GLN B 187 2.09 4.34 15.28
CA GLN B 187 2.87 3.51 14.33
C GLN B 187 4.38 3.75 14.62
N GLY B 188 5.15 2.69 14.83
CA GLY B 188 6.52 2.90 15.23
C GLY B 188 7.55 3.13 14.14
N SER B 189 7.17 2.89 12.89
CA SER B 189 8.16 3.08 11.82
C SER B 189 7.43 3.35 10.52
N LEU B 190 8.16 3.89 9.54
CA LEU B 190 7.57 4.19 8.22
C LEU B 190 8.58 3.80 7.15
N PRO B 191 8.11 3.20 6.01
CA PRO B 191 9.06 2.85 4.97
C PRO B 191 9.56 4.12 4.30
N VAL B 192 10.85 4.18 3.99
CA VAL B 192 11.43 5.34 3.32
C VAL B 192 12.43 4.88 2.26
N CYS B 193 12.85 5.81 1.41
CA CYS B 193 13.88 5.46 0.41
C CYS B 193 14.70 6.70 0.21
N CYS B 194 16.01 6.51 0.14
CA CYS B 194 16.93 7.64 0.08
C CYS B 194 17.34 8.04 -1.34
N ALA B 195 18.62 8.30 -1.59
CA ALA B 195 19.05 8.80 -2.91
C ALA B 195 18.76 7.90 -4.11
N ALA B 196 19.18 6.64 -4.01
CA ALA B 196 18.98 5.66 -5.10
C ALA B 196 17.74 4.83 -4.78
N SER B 197 17.11 4.25 -5.82
CA SER B 197 15.94 3.45 -5.67
C SER B 197 16.17 2.18 -4.86
N THR B 198 17.43 1.79 -4.69
CA THR B 198 17.81 0.61 -3.91
C THR B 198 18.19 0.96 -2.45
N ASP B 199 18.17 2.25 -2.09
CA ASP B 199 18.53 2.68 -0.75
C ASP B 199 17.31 2.75 0.18
N LYS B 200 16.62 1.62 0.31
CA LYS B 200 15.42 1.50 1.13
C LYS B 200 15.67 1.34 2.61
N GLY B 201 14.69 1.78 3.40
CA GLY B 201 14.83 1.62 4.84
C GLY B 201 13.48 1.68 5.50
N VAL B 202 13.51 1.40 6.79
CA VAL B 202 12.35 1.49 7.63
C VAL B 202 12.80 2.47 8.70
N ALA B 203 12.25 3.68 8.61
CA ALA B 203 12.60 4.72 9.54
C ALA B 203 11.85 4.57 10.88
N LYS B 204 12.62 4.43 11.94
CA LYS B 204 12.02 4.29 13.27
C LYS B 204 11.61 5.69 13.78
N ILE B 205 10.36 5.83 14.17
CA ILE B 205 9.89 7.13 14.62
C ILE B 205 9.34 7.10 16.02
N GLY B 206 9.16 5.88 16.56
CA GLY B 206 8.64 5.76 17.91
C GLY B 206 9.14 4.44 18.47
N TYR B 207 8.48 3.95 19.51
CA TYR B 207 8.85 2.67 20.12
C TYR B 207 8.62 1.49 19.16
N ILE B 208 9.62 0.61 19.09
CA ILE B 208 9.61 -0.61 18.26
C ILE B 208 10.01 -1.75 19.22
N ALA B 209 9.07 -2.62 19.55
CA ALA B 209 9.33 -3.71 20.48
C ALA B 209 10.43 -4.63 19.93
#